data_2RUM
#
_entry.id   2RUM
#
_entity_poly.entity_id   1
_entity_poly.type   'polypeptide(L)'
_entity_poly.pdbx_seq_one_letter_code
;MWKTPTLKYFGGFNFSQIL
;
_entity_poly.pdbx_strand_id   A
#
# COMPACT_ATOMS: atom_id res chain seq x y z
N MET A 1 -6.75 8.08 -6.05
CA MET A 1 -6.68 9.05 -4.97
C MET A 1 -6.56 8.36 -3.62
N TRP A 2 -7.23 7.21 -3.48
CA TRP A 2 -7.20 6.45 -2.24
C TRP A 2 -6.10 5.41 -2.27
N LYS A 3 -5.73 4.97 -3.48
CA LYS A 3 -4.68 3.97 -3.64
C LYS A 3 -3.30 4.60 -3.47
N THR A 4 -3.22 5.89 -3.76
CA THR A 4 -1.95 6.62 -3.65
C THR A 4 -1.31 6.39 -2.28
N PRO A 5 -2.02 6.80 -1.22
CA PRO A 5 -1.54 6.65 0.15
C PRO A 5 -1.50 5.19 0.60
N THR A 6 -2.20 4.32 -0.14
CA THR A 6 -2.24 2.91 0.19
C THR A 6 -0.91 2.23 -0.12
N LEU A 7 -0.26 2.67 -1.19
CA LEU A 7 1.02 2.11 -1.59
C LEU A 7 2.17 2.87 -0.95
N LYS A 8 1.86 4.03 -0.38
CA LYS A 8 2.87 4.86 0.26
C LYS A 8 3.01 4.50 1.74
N TYR A 9 1.94 4.71 2.49
CA TYR A 9 1.94 4.40 3.92
C TYR A 9 1.61 2.93 4.16
N PHE A 10 0.61 2.44 3.46
CA PHE A 10 0.18 1.04 3.60
C PHE A 10 1.00 0.14 2.67
N GLY A 11 1.86 0.75 1.87
CA GLY A 11 2.68 -0.01 0.94
C GLY A 11 3.41 -1.15 1.63
N GLY A 12 4.29 -0.81 2.57
CA GLY A 12 5.04 -1.82 3.28
C GLY A 12 4.15 -2.86 3.94
N PHE A 13 2.90 -2.48 4.21
CA PHE A 13 1.94 -3.39 4.83
C PHE A 13 1.32 -4.32 3.80
N ASN A 14 1.15 -3.80 2.58
CA ASN A 14 0.56 -4.59 1.49
C ASN A 14 1.49 -5.73 1.08
N PHE A 15 2.70 -5.73 1.62
CA PHE A 15 3.68 -6.77 1.31
C PHE A 15 3.03 -8.14 1.31
N SER A 16 2.03 -8.32 2.17
CA SER A 16 1.33 -9.60 2.27
C SER A 16 0.42 -9.81 1.07
N GLN A 17 -0.17 -8.73 0.58
CA GLN A 17 -1.07 -8.79 -0.56
C GLN A 17 -0.31 -8.54 -1.86
N ILE A 18 0.36 -7.40 -1.94
CA ILE A 18 1.13 -7.04 -3.12
C ILE A 18 2.39 -7.89 -3.24
N LEU A 19 2.66 -8.69 -2.21
CA LEU A 19 3.83 -9.56 -2.21
C LEU A 19 4.37 -9.76 -3.62
N MET A 1 -6.28 8.35 -5.88
CA MET A 1 -6.54 9.24 -4.76
C MET A 1 -6.50 8.47 -3.45
N TRP A 2 -7.18 7.32 -3.42
CA TRP A 2 -7.23 6.49 -2.22
C TRP A 2 -6.09 5.49 -2.19
N LYS A 3 -5.64 5.09 -3.39
CA LYS A 3 -4.54 4.13 -3.51
C LYS A 3 -3.21 4.80 -3.22
N THR A 4 -3.14 6.11 -3.45
CA THR A 4 -1.92 6.87 -3.20
C THR A 4 -1.39 6.62 -1.80
N PRO A 5 -2.20 6.95 -0.78
CA PRO A 5 -1.82 6.77 0.62
C PRO A 5 -1.76 5.29 1.02
N THR A 6 -2.37 4.45 0.20
CA THR A 6 -2.39 3.01 0.47
C THR A 6 -1.06 2.37 0.12
N LEU A 7 -0.44 2.85 -0.96
CA LEU A 7 0.85 2.32 -1.40
C LEU A 7 2.00 3.08 -0.75
N LYS A 8 1.69 4.22 -0.15
CA LYS A 8 2.70 5.05 0.52
C LYS A 8 2.86 4.63 1.97
N TYR A 9 1.81 4.80 2.76
CA TYR A 9 1.84 4.44 4.17
C TYR A 9 1.54 2.96 4.37
N PHE A 10 0.52 2.48 3.66
CA PHE A 10 0.14 1.07 3.76
C PHE A 10 0.94 0.21 2.79
N GLY A 11 1.78 0.87 1.99
CA GLY A 11 2.60 0.15 1.03
C GLY A 11 3.36 -1.00 1.66
N GLY A 12 4.25 -0.67 2.60
CA GLY A 12 5.03 -1.70 3.27
C GLY A 12 4.17 -2.78 3.90
N PHE A 13 2.93 -2.42 4.21
CA PHE A 13 2.00 -3.37 4.82
C PHE A 13 1.37 -4.27 3.77
N ASN A 14 1.17 -3.73 2.57
CA ASN A 14 0.57 -4.48 1.48
C ASN A 14 1.51 -5.60 1.01
N PHE A 15 2.73 -5.59 1.53
CA PHE A 15 3.72 -6.59 1.16
C PHE A 15 3.10 -7.99 1.13
N SER A 16 2.11 -8.21 2.00
CA SER A 16 1.43 -9.50 2.07
C SER A 16 0.50 -9.69 0.88
N GLN A 17 -0.11 -8.60 0.44
CA GLN A 17 -1.04 -8.65 -0.68
C GLN A 17 -0.30 -8.34 -1.99
N ILE A 18 0.35 -7.18 -2.03
CA ILE A 18 1.08 -6.77 -3.22
C ILE A 18 2.36 -7.59 -3.40
N LEU A 19 2.66 -8.42 -2.41
CA LEU A 19 3.84 -9.28 -2.45
C LEU A 19 4.36 -9.41 -3.88
N MET A 1 -8.05 9.46 -4.95
CA MET A 1 -6.72 9.47 -4.36
C MET A 1 -6.67 8.55 -3.13
N TRP A 2 -7.31 7.39 -3.24
CA TRP A 2 -7.33 6.43 -2.14
C TRP A 2 -6.22 5.40 -2.28
N LYS A 3 -5.86 5.11 -3.53
CA LYS A 3 -4.79 4.14 -3.80
C LYS A 3 -3.42 4.75 -3.53
N THR A 4 -3.34 6.08 -3.64
CA THR A 4 -2.08 6.78 -3.41
C THR A 4 -1.46 6.37 -2.07
N PRO A 5 -2.20 6.64 -0.98
CA PRO A 5 -1.76 6.31 0.37
C PRO A 5 -1.72 4.81 0.63
N THR A 6 -2.43 4.06 -0.20
CA THR A 6 -2.49 2.61 -0.06
C THR A 6 -1.12 1.98 -0.34
N LEU A 7 -0.48 2.41 -1.41
CA LEU A 7 0.83 1.90 -1.79
C LEU A 7 1.94 2.72 -1.16
N LYS A 8 1.57 3.89 -0.64
CA LYS A 8 2.54 4.78 -0.02
C LYS A 8 2.69 4.47 1.48
N TYR A 9 1.60 4.66 2.22
CA TYR A 9 1.60 4.40 3.65
C TYR A 9 1.33 2.93 3.94
N PHE A 10 0.35 2.36 3.24
CA PHE A 10 0.00 0.95 3.42
C PHE A 10 0.85 0.06 2.53
N GLY A 11 1.70 0.68 1.71
CA GLY A 11 2.56 -0.07 0.82
C GLY A 11 3.34 -1.15 1.54
N GLY A 12 4.19 -0.74 2.48
CA GLY A 12 4.98 -1.70 3.24
C GLY A 12 4.12 -2.76 3.91
N PHE A 13 2.86 -2.43 4.16
CA PHE A 13 1.94 -3.35 4.81
C PHE A 13 1.36 -4.34 3.81
N ASN A 14 1.18 -3.88 2.57
CA ASN A 14 0.64 -4.72 1.51
C ASN A 14 1.62 -5.83 1.14
N PHE A 15 2.83 -5.76 1.69
CA PHE A 15 3.85 -6.75 1.42
C PHE A 15 3.26 -8.17 1.46
N SER A 16 2.27 -8.36 2.31
CA SER A 16 1.61 -9.65 2.45
C SER A 16 0.72 -9.95 1.25
N GLN A 17 0.09 -8.91 0.72
CA GLN A 17 -0.80 -9.06 -0.42
C GLN A 17 -0.04 -8.82 -1.72
N ILE A 18 0.59 -7.64 -1.83
CA ILE A 18 1.35 -7.28 -3.02
C ILE A 18 2.64 -8.09 -3.11
N LEU A 19 2.93 -8.85 -2.06
CA LEU A 19 4.15 -9.66 -2.01
C LEU A 19 4.71 -9.88 -3.41
N MET A 1 -8.37 9.05 -5.42
CA MET A 1 -7.02 9.21 -4.89
C MET A 1 -6.88 8.52 -3.54
N TRP A 2 -7.48 7.33 -3.42
CA TRP A 2 -7.43 6.57 -2.18
C TRP A 2 -6.29 5.54 -2.23
N LYS A 3 -5.96 5.10 -3.44
CA LYS A 3 -4.89 4.11 -3.61
C LYS A 3 -3.52 4.76 -3.45
N THR A 4 -3.46 6.07 -3.71
CA THR A 4 -2.20 6.80 -3.60
C THR A 4 -1.55 6.57 -2.23
N PRO A 5 -2.26 6.94 -1.17
CA PRO A 5 -1.77 6.78 0.21
C PRO A 5 -1.72 5.32 0.63
N THR A 6 -2.41 4.46 -0.11
CA THR A 6 -2.43 3.04 0.19
C THR A 6 -1.08 2.39 -0.11
N LEU A 7 -0.43 2.85 -1.17
CA LEU A 7 0.87 2.32 -1.56
C LEU A 7 2.00 3.09 -0.89
N LYS A 8 1.66 4.24 -0.31
CA LYS A 8 2.65 5.06 0.37
C LYS A 8 2.77 4.67 1.84
N TYR A 9 1.69 4.85 2.59
CA TYR A 9 1.68 4.51 4.01
C TYR A 9 1.37 3.03 4.21
N PHE A 10 0.38 2.54 3.48
CA PHE A 10 -0.01 1.13 3.58
C PHE A 10 0.82 0.27 2.65
N GLY A 11 1.68 0.91 1.87
CA GLY A 11 2.54 0.17 0.95
C GLY A 11 3.27 -0.96 1.62
N GLY A 12 4.13 -0.63 2.58
CA GLY A 12 4.89 -1.64 3.28
C GLY A 12 4.00 -2.71 3.90
N PHE A 13 2.75 -2.35 4.17
CA PHE A 13 1.80 -3.28 4.76
C PHE A 13 1.20 -4.20 3.70
N ASN A 14 1.05 -3.68 2.49
CA ASN A 14 0.48 -4.45 1.38
C ASN A 14 1.43 -5.57 0.96
N PHE A 15 2.64 -5.55 1.52
CA PHE A 15 3.65 -6.56 1.20
C PHE A 15 3.02 -7.96 1.16
N SER A 16 2.01 -8.17 2.01
CA SER A 16 1.32 -9.45 2.07
C SER A 16 0.44 -9.66 0.86
N GLN A 17 -0.17 -8.57 0.38
CA GLN A 17 -1.05 -8.64 -0.78
C GLN A 17 -0.28 -8.34 -2.06
N ILE A 18 0.37 -7.20 -2.10
CA ILE A 18 1.15 -6.80 -3.27
C ILE A 18 2.42 -7.63 -3.39
N LEU A 19 2.69 -8.44 -2.38
CA LEU A 19 3.88 -9.29 -2.38
C LEU A 19 4.45 -9.45 -3.78
N MET A 1 -6.29 8.39 -6.13
CA MET A 1 -6.88 9.19 -5.06
C MET A 1 -6.70 8.52 -3.71
N TRP A 2 -7.38 7.38 -3.53
CA TRP A 2 -7.30 6.64 -2.28
C TRP A 2 -6.19 5.58 -2.36
N LYS A 3 -5.90 5.13 -3.56
CA LYS A 3 -4.86 4.12 -3.77
C LYS A 3 -3.47 4.74 -3.67
N THR A 4 -3.39 6.03 -3.96
CA THR A 4 -2.12 6.74 -3.91
C THR A 4 -1.43 6.53 -2.56
N PRO A 5 -2.10 6.94 -1.48
CA PRO A 5 -1.56 6.81 -0.13
C PRO A 5 -1.52 5.36 0.35
N THR A 6 -2.27 4.50 -0.34
CA THR A 6 -2.31 3.09 0.00
C THR A 6 -0.98 2.41 -0.29
N LEU A 7 -0.31 2.84 -1.35
CA LEU A 7 0.97 2.28 -1.73
C LEU A 7 2.13 3.04 -1.08
N LYS A 8 1.81 4.20 -0.52
CA LYS A 8 2.80 5.03 0.13
C LYS A 8 2.93 4.67 1.62
N TYR A 9 1.84 4.89 2.35
CA TYR A 9 1.82 4.59 3.78
C TYR A 9 1.49 3.11 4.03
N PHE A 10 0.49 2.61 3.31
CA PHE A 10 0.08 1.22 3.44
C PHE A 10 0.91 0.32 2.53
N GLY A 11 1.78 0.93 1.73
CA GLY A 11 2.62 0.17 0.82
C GLY A 11 3.34 -0.97 1.52
N GLY A 12 4.19 -0.63 2.47
CA GLY A 12 4.94 -1.64 3.20
C GLY A 12 4.03 -2.67 3.84
N PHE A 13 2.79 -2.30 4.10
CA PHE A 13 1.82 -3.19 4.72
C PHE A 13 1.21 -4.13 3.68
N ASN A 14 1.06 -3.63 2.45
CA ASN A 14 0.49 -4.42 1.37
C ASN A 14 1.42 -5.57 0.97
N PHE A 15 2.62 -5.55 1.53
CA PHE A 15 3.60 -6.59 1.23
C PHE A 15 2.95 -7.97 1.24
N SER A 16 1.95 -8.14 2.08
CA SER A 16 1.25 -9.42 2.18
C SER A 16 0.35 -9.64 0.97
N GLN A 17 -0.24 -8.55 0.47
CA GLN A 17 -1.13 -8.62 -0.69
C GLN A 17 -0.35 -8.39 -1.99
N ILE A 18 0.33 -7.25 -2.05
CA ILE A 18 1.11 -6.89 -3.23
C ILE A 18 2.37 -7.74 -3.33
N LEU A 19 2.63 -8.54 -2.30
CA LEU A 19 3.80 -9.40 -2.27
C LEU A 19 4.36 -9.60 -3.67
N MET A 1 -7.80 8.88 -5.83
CA MET A 1 -6.53 9.15 -5.17
C MET A 1 -6.47 8.48 -3.80
N TRP A 2 -7.07 7.29 -3.71
CA TRP A 2 -7.09 6.54 -2.47
C TRP A 2 -5.95 5.52 -2.43
N LYS A 3 -5.54 5.06 -3.61
CA LYS A 3 -4.47 4.08 -3.72
C LYS A 3 -3.11 4.74 -3.49
N THR A 4 -3.03 6.03 -3.76
CA THR A 4 -1.79 6.78 -3.59
C THR A 4 -1.22 6.57 -2.20
N PRO A 5 -2.00 6.96 -1.17
CA PRO A 5 -1.58 6.82 0.23
C PRO A 5 -1.55 5.37 0.69
N THR A 6 -2.23 4.50 -0.06
CA THR A 6 -2.27 3.09 0.27
C THR A 6 -0.95 2.40 -0.07
N LEU A 7 -0.32 2.85 -1.16
CA LEU A 7 0.95 2.28 -1.59
C LEU A 7 2.12 3.03 -0.96
N LYS A 8 1.84 4.18 -0.38
CA LYS A 8 2.87 5.00 0.25
C LYS A 8 3.03 4.62 1.72
N TYR A 9 1.99 4.83 2.50
CA TYR A 9 2.01 4.50 3.93
C TYR A 9 1.68 3.03 4.16
N PHE A 10 0.65 2.55 3.46
CA PHE A 10 0.23 1.16 3.59
C PHE A 10 1.01 0.26 2.64
N GLY A 11 1.86 0.88 1.82
CA GLY A 11 2.66 0.12 0.88
C GLY A 11 3.40 -1.03 1.53
N GLY A 12 4.28 -0.71 2.46
CA GLY A 12 5.05 -1.73 3.14
C GLY A 12 4.17 -2.78 3.80
N PHE A 13 2.93 -2.39 4.11
CA PHE A 13 1.98 -3.30 4.75
C PHE A 13 1.32 -4.21 3.71
N ASN A 14 1.13 -3.68 2.50
CA ASN A 14 0.51 -4.45 1.43
C ASN A 14 1.42 -5.60 0.99
N PHE A 15 2.64 -5.61 1.50
CA PHE A 15 3.61 -6.65 1.15
C PHE A 15 2.95 -8.02 1.15
N SER A 16 1.97 -8.20 2.03
CA SER A 16 1.26 -9.47 2.13
C SER A 16 0.32 -9.67 0.95
N GLN A 17 -0.27 -8.57 0.49
CA GLN A 17 -1.20 -8.62 -0.64
C GLN A 17 -0.47 -8.36 -1.95
N ILE A 18 0.21 -7.22 -2.02
CA ILE A 18 0.96 -6.86 -3.23
C ILE A 18 2.20 -7.71 -3.39
N LEU A 19 2.49 -8.53 -2.38
CA LEU A 19 3.66 -9.40 -2.41
C LEU A 19 4.16 -9.58 -3.83
N MET A 1 -7.67 9.08 -5.85
CA MET A 1 -6.51 9.52 -5.07
C MET A 1 -6.46 8.80 -3.73
N TRP A 2 -7.04 7.61 -3.67
CA TRP A 2 -7.06 6.82 -2.44
C TRP A 2 -5.95 5.77 -2.45
N LYS A 3 -5.57 5.35 -3.64
CA LYS A 3 -4.51 4.34 -3.79
C LYS A 3 -3.14 4.95 -3.55
N THR A 4 -3.03 6.26 -3.78
CA THR A 4 -1.77 6.96 -3.60
C THR A 4 -1.20 6.70 -2.21
N PRO A 5 -1.96 7.07 -1.17
CA PRO A 5 -1.54 6.89 0.23
C PRO A 5 -1.53 5.42 0.64
N THR A 6 -2.21 4.59 -0.15
CA THR A 6 -2.28 3.15 0.13
C THR A 6 -0.94 2.48 -0.14
N LEU A 7 -0.26 2.93 -1.18
CA LEU A 7 1.04 2.36 -1.55
C LEU A 7 2.17 3.11 -0.86
N LYS A 8 1.85 4.26 -0.29
CA LYS A 8 2.85 5.07 0.41
C LYS A 8 2.93 4.68 1.87
N TYR A 9 1.84 4.89 2.61
CA TYR A 9 1.78 4.56 4.03
C TYR A 9 1.44 3.08 4.23
N PHE A 10 0.45 2.61 3.48
CA PHE A 10 0.02 1.22 3.58
C PHE A 10 0.87 0.32 2.67
N GLY A 11 1.75 0.94 1.90
CA GLY A 11 2.60 0.19 1.00
C GLY A 11 3.31 -0.96 1.69
N GLY A 12 4.14 -0.64 2.66
CA GLY A 12 4.87 -1.67 3.38
C GLY A 12 3.96 -2.71 3.99
N PHE A 13 2.70 -2.33 4.23
CA PHE A 13 1.72 -3.24 4.81
C PHE A 13 1.13 -4.15 3.74
N ASN A 14 1.00 -3.62 2.52
CA ASN A 14 0.44 -4.38 1.41
C ASN A 14 1.37 -5.53 1.01
N PHE A 15 2.57 -5.54 1.60
CA PHE A 15 3.55 -6.57 1.30
C PHE A 15 2.90 -7.95 1.26
N SER A 16 1.87 -8.14 2.08
CA SER A 16 1.15 -9.40 2.14
C SER A 16 0.28 -9.60 0.91
N GLN A 17 -0.29 -8.51 0.42
CA GLN A 17 -1.15 -8.55 -0.76
C GLN A 17 -0.35 -8.28 -2.02
N ILE A 18 0.33 -7.14 -2.06
CA ILE A 18 1.15 -6.77 -3.22
C ILE A 18 2.40 -7.63 -3.31
N LEU A 19 2.63 -8.45 -2.29
CA LEU A 19 3.80 -9.32 -2.26
C LEU A 19 4.38 -9.50 -3.66
N MET A 1 -7.53 9.19 -5.84
CA MET A 1 -6.39 9.59 -5.04
C MET A 1 -6.38 8.84 -3.71
N TRP A 2 -6.97 7.65 -3.69
CA TRP A 2 -7.02 6.84 -2.48
C TRP A 2 -5.91 5.80 -2.46
N LYS A 3 -5.51 5.36 -3.65
CA LYS A 3 -4.46 4.36 -3.78
C LYS A 3 -3.08 4.98 -3.53
N THR A 4 -2.98 6.28 -3.78
CA THR A 4 -1.72 6.99 -3.57
C THR A 4 -1.16 6.73 -2.17
N PRO A 5 -1.95 7.11 -1.14
CA PRO A 5 -1.55 6.93 0.25
C PRO A 5 -1.55 5.47 0.67
N THR A 6 -2.20 4.63 -0.11
CA THR A 6 -2.28 3.20 0.16
C THR A 6 -0.95 2.52 -0.11
N LEU A 7 -0.26 2.97 -1.16
CA LEU A 7 1.02 2.40 -1.55
C LEU A 7 2.17 3.12 -0.85
N LYS A 8 1.86 4.28 -0.26
CA LYS A 8 2.86 5.07 0.43
C LYS A 8 2.95 4.67 1.90
N TYR A 9 1.87 4.88 2.63
CA TYR A 9 1.83 4.53 4.05
C TYR A 9 1.48 3.06 4.24
N PHE A 10 0.48 2.60 3.50
CA PHE A 10 0.03 1.21 3.59
C PHE A 10 0.86 0.32 2.66
N GLY A 11 1.75 0.93 1.89
CA GLY A 11 2.59 0.19 0.97
C GLY A 11 3.29 -0.98 1.65
N GLY A 12 4.15 -0.67 2.62
CA GLY A 12 4.87 -1.71 3.32
C GLY A 12 3.95 -2.74 3.93
N PHE A 13 2.71 -2.35 4.19
CA PHE A 13 1.73 -3.26 4.77
C PHE A 13 1.11 -4.16 3.71
N ASN A 14 0.97 -3.62 2.50
CA ASN A 14 0.40 -4.38 1.39
C ASN A 14 1.32 -5.53 0.99
N PHE A 15 2.52 -5.55 1.55
CA PHE A 15 3.49 -6.59 1.24
C PHE A 15 2.82 -7.97 1.20
N SER A 16 1.81 -8.14 2.04
CA SER A 16 1.09 -9.41 2.10
C SER A 16 0.19 -9.59 0.88
N GLN A 17 -0.37 -8.49 0.39
CA GLN A 17 -1.25 -8.53 -0.77
C GLN A 17 -0.46 -8.26 -2.05
N ILE A 18 0.24 -7.12 -2.09
CA ILE A 18 1.03 -6.75 -3.25
C ILE A 18 2.28 -7.62 -3.37
N LEU A 19 2.52 -8.44 -2.35
CA LEU A 19 3.68 -9.32 -2.33
C LEU A 19 4.25 -9.50 -3.73
N MET A 1 -7.91 9.28 -5.68
CA MET A 1 -6.53 9.25 -5.21
C MET A 1 -6.43 8.56 -3.86
N TRP A 2 -7.02 7.37 -3.77
CA TRP A 2 -7.00 6.59 -2.53
C TRP A 2 -5.87 5.57 -2.55
N LYS A 3 -5.49 5.14 -3.75
CA LYS A 3 -4.42 4.16 -3.90
C LYS A 3 -3.06 4.80 -3.69
N THR A 4 -2.98 6.11 -3.93
CA THR A 4 -1.73 6.84 -3.77
C THR A 4 -1.14 6.60 -2.39
N PRO A 5 -1.89 6.97 -1.34
CA PRO A 5 -1.45 6.81 0.05
C PRO A 5 -1.41 5.35 0.48
N THR A 6 -2.07 4.49 -0.30
CA THR A 6 -2.11 3.06 0.00
C THR A 6 -0.74 2.42 -0.24
N LEU A 7 -0.03 2.90 -1.25
CA LEU A 7 1.28 2.37 -1.58
C LEU A 7 2.38 3.13 -0.85
N LYS A 8 2.01 4.27 -0.27
CA LYS A 8 2.96 5.09 0.47
C LYS A 8 3.00 4.69 1.94
N TYR A 9 1.89 4.86 2.63
CA TYR A 9 1.79 4.50 4.04
C TYR A 9 1.48 3.03 4.22
N PHE A 10 0.52 2.53 3.43
CA PHE A 10 0.12 1.13 3.49
C PHE A 10 1.01 0.27 2.61
N GLY A 11 1.92 0.92 1.87
CA GLY A 11 2.82 0.20 0.99
C GLY A 11 3.52 -0.95 1.68
N GLY A 12 4.13 -0.66 2.82
CA GLY A 12 4.84 -1.69 3.56
C GLY A 12 3.91 -2.75 4.12
N PHE A 13 2.64 -2.38 4.30
CA PHE A 13 1.64 -3.30 4.83
C PHE A 13 1.11 -4.22 3.73
N ASN A 14 1.04 -3.70 2.51
CA ASN A 14 0.55 -4.46 1.38
C ASN A 14 1.52 -5.58 1.02
N PHE A 15 2.69 -5.58 1.65
CA PHE A 15 3.70 -6.60 1.41
C PHE A 15 3.06 -7.99 1.33
N SER A 16 2.00 -8.19 2.09
CA SER A 16 1.30 -9.47 2.12
C SER A 16 0.49 -9.67 0.84
N GLN A 17 -0.07 -8.58 0.33
CA GLN A 17 -0.87 -8.63 -0.90
C GLN A 17 -0.01 -8.35 -2.12
N ILE A 18 0.67 -7.20 -2.11
CA ILE A 18 1.52 -6.81 -3.23
C ILE A 18 2.79 -7.65 -3.26
N LEU A 19 2.98 -8.47 -2.23
CA LEU A 19 4.16 -9.33 -2.15
C LEU A 19 4.82 -9.49 -3.52
N MET A 1 -6.07 8.35 -6.01
CA MET A 1 -6.40 9.23 -4.89
C MET A 1 -6.40 8.46 -3.57
N TRP A 2 -6.98 7.27 -3.59
CA TRP A 2 -7.06 6.43 -2.41
C TRP A 2 -5.90 5.44 -2.36
N LYS A 3 -5.39 5.08 -3.54
CA LYS A 3 -4.28 4.14 -3.63
C LYS A 3 -2.96 4.82 -3.32
N THR A 4 -2.90 6.13 -3.54
CA THR A 4 -1.69 6.90 -3.28
C THR A 4 -1.19 6.66 -1.87
N PRO A 5 -2.01 6.99 -0.87
CA PRO A 5 -1.67 6.81 0.54
C PRO A 5 -1.61 5.35 0.95
N THR A 6 -2.19 4.49 0.12
CA THR A 6 -2.20 3.06 0.39
C THR A 6 -0.86 2.42 0.05
N LEU A 7 -0.23 2.92 -1.01
CA LEU A 7 1.07 2.41 -1.44
C LEU A 7 2.21 3.16 -0.77
N LYS A 8 1.89 4.28 -0.14
CA LYS A 8 2.88 5.09 0.55
C LYS A 8 3.03 4.65 2.00
N TYR A 9 1.97 4.80 2.77
CA TYR A 9 1.98 4.41 4.18
C TYR A 9 1.68 2.93 4.35
N PHE A 10 0.68 2.45 3.61
CA PHE A 10 0.30 1.04 3.68
C PHE A 10 1.12 0.21 2.70
N GLY A 11 1.96 0.88 1.92
CA GLY A 11 2.80 0.19 0.95
C GLY A 11 3.53 -0.98 1.56
N GLY A 12 4.20 -0.74 2.69
CA GLY A 12 4.95 -1.79 3.36
C GLY A 12 4.05 -2.86 3.93
N PHE A 13 2.79 -2.50 4.20
CA PHE A 13 1.83 -3.44 4.76
C PHE A 13 1.23 -4.32 3.67
N ASN A 14 1.08 -3.76 2.48
CA ASN A 14 0.52 -4.48 1.35
C ASN A 14 1.46 -5.60 0.89
N PHE A 15 2.66 -5.61 1.45
CA PHE A 15 3.65 -6.62 1.11
C PHE A 15 3.01 -8.01 1.03
N SER A 16 2.00 -8.24 1.86
CA SER A 16 1.31 -9.52 1.89
C SER A 16 0.41 -9.68 0.66
N GLN A 17 -0.18 -8.57 0.23
CA GLN A 17 -1.06 -8.60 -0.94
C GLN A 17 -0.29 -8.27 -2.22
N ILE A 18 0.38 -7.12 -2.21
CA ILE A 18 1.16 -6.69 -3.37
C ILE A 18 2.43 -7.54 -3.52
N LEU A 19 2.69 -8.38 -2.53
CA LEU A 19 3.87 -9.24 -2.56
C LEU A 19 4.43 -9.36 -3.96
N MET A 1 -8.02 9.23 -5.37
CA MET A 1 -6.86 9.57 -4.55
C MET A 1 -6.80 8.69 -3.30
N TRP A 2 -7.38 7.50 -3.39
CA TRP A 2 -7.38 6.57 -2.27
C TRP A 2 -6.23 5.57 -2.39
N LYS A 3 -5.79 5.32 -3.61
CA LYS A 3 -4.69 4.40 -3.86
C LYS A 3 -3.36 5.01 -3.48
N THR A 4 -3.31 6.35 -3.45
CA THR A 4 -2.09 7.07 -3.10
C THR A 4 -1.57 6.63 -1.74
N PRO A 5 -2.39 6.83 -0.70
CA PRO A 5 -2.03 6.46 0.68
C PRO A 5 -1.97 4.95 0.88
N THR A 6 -2.41 4.21 -0.12
CA THR A 6 -2.43 2.75 -0.06
C THR A 6 -1.01 2.19 -0.20
N LEU A 7 -0.33 2.58 -1.27
CA LEU A 7 1.04 2.12 -1.52
C LEU A 7 2.05 3.06 -0.88
N LYS A 8 1.59 4.23 -0.46
CA LYS A 8 2.45 5.22 0.17
C LYS A 8 2.78 4.82 1.61
N TYR A 9 1.76 4.78 2.45
CA TYR A 9 1.93 4.41 3.85
C TYR A 9 1.64 2.93 4.07
N PHE A 10 0.57 2.45 3.47
CA PHE A 10 0.18 1.04 3.60
C PHE A 10 0.99 0.17 2.64
N GLY A 11 1.82 0.82 1.81
CA GLY A 11 2.63 0.08 0.86
C GLY A 11 3.41 -1.05 1.52
N GLY A 12 4.30 -0.69 2.45
CA GLY A 12 5.09 -1.69 3.13
C GLY A 12 4.25 -2.76 3.79
N PHE A 13 3.00 -2.42 4.09
CA PHE A 13 2.08 -3.36 4.74
C PHE A 13 1.45 -4.29 3.70
N ASN A 14 1.23 -3.77 2.49
CA ASN A 14 0.64 -4.55 1.42
C ASN A 14 1.58 -5.67 0.97
N PHE A 15 2.81 -5.64 1.47
CA PHE A 15 3.81 -6.64 1.12
C PHE A 15 3.19 -8.03 1.12
N SER A 16 2.22 -8.25 2.00
CA SER A 16 1.55 -9.54 2.11
C SER A 16 0.62 -9.77 0.93
N GLN A 17 -0.02 -8.69 0.47
CA GLN A 17 -0.95 -8.77 -0.65
C GLN A 17 -0.23 -8.48 -1.97
N ILE A 18 0.42 -7.32 -2.04
CA ILE A 18 1.14 -6.93 -3.25
C ILE A 18 2.41 -7.74 -3.42
N LEU A 19 2.73 -8.55 -2.41
CA LEU A 19 3.93 -9.39 -2.45
C LEU A 19 4.43 -9.55 -3.88
N MET A 1 -5.49 8.07 -6.63
CA MET A 1 -6.00 9.12 -5.75
C MET A 1 -6.22 8.59 -4.34
N TRP A 2 -6.79 7.40 -4.25
CA TRP A 2 -7.06 6.78 -2.95
C TRP A 2 -5.99 5.77 -2.59
N LYS A 3 -5.40 5.16 -3.61
CA LYS A 3 -4.34 4.17 -3.40
C LYS A 3 -3.00 4.85 -3.19
N THR A 4 -2.94 6.15 -3.44
CA THR A 4 -1.72 6.92 -3.27
C THR A 4 -1.09 6.67 -1.90
N PRO A 5 -1.85 6.96 -0.84
CA PRO A 5 -1.41 6.77 0.54
C PRO A 5 -1.28 5.29 0.92
N THR A 6 -2.25 4.50 0.48
CA THR A 6 -2.26 3.07 0.77
C THR A 6 -0.95 2.42 0.33
N LEU A 7 -0.38 2.92 -0.76
CA LEU A 7 0.87 2.39 -1.29
C LEU A 7 2.07 3.11 -0.67
N LYS A 8 1.81 4.24 -0.03
CA LYS A 8 2.86 5.02 0.60
C LYS A 8 3.10 4.57 2.04
N TYR A 9 2.08 4.73 2.89
CA TYR A 9 2.18 4.33 4.29
C TYR A 9 1.87 2.85 4.45
N PHE A 10 0.81 2.39 3.79
CA PHE A 10 0.41 1.00 3.86
C PHE A 10 1.15 0.16 2.84
N GLY A 11 1.95 0.82 2.01
CA GLY A 11 2.71 0.12 0.99
C GLY A 11 3.49 -1.06 1.54
N GLY A 12 4.42 -0.78 2.45
CA GLY A 12 5.22 -1.83 3.05
C GLY A 12 4.37 -2.90 3.69
N PHE A 13 3.15 -2.55 4.07
CA PHE A 13 2.23 -3.49 4.70
C PHE A 13 1.54 -4.35 3.66
N ASN A 14 1.28 -3.77 2.50
CA ASN A 14 0.62 -4.49 1.41
C ASN A 14 1.52 -5.61 0.87
N PHE A 15 2.76 -5.63 1.32
CA PHE A 15 3.71 -6.65 0.88
C PHE A 15 3.07 -8.02 0.84
N SER A 16 2.12 -8.25 1.75
CA SER A 16 1.43 -9.53 1.83
C SER A 16 0.44 -9.67 0.68
N GLN A 17 -0.19 -8.57 0.30
CA GLN A 17 -1.17 -8.57 -0.78
C GLN A 17 -0.50 -8.23 -2.11
N ILE A 18 0.17 -7.09 -2.16
CA ILE A 18 0.85 -6.65 -3.37
C ILE A 18 2.09 -7.49 -3.64
N LEU A 19 2.44 -8.36 -2.69
CA LEU A 19 3.60 -9.22 -2.81
C LEU A 19 4.05 -9.32 -4.27
N MET A 1 -5.53 8.15 -6.69
CA MET A 1 -5.99 9.21 -5.81
C MET A 1 -6.26 8.68 -4.40
N TRP A 2 -6.82 7.49 -4.32
CA TRP A 2 -7.13 6.87 -3.03
C TRP A 2 -6.05 5.86 -2.65
N LYS A 3 -5.42 5.25 -3.65
CA LYS A 3 -4.37 4.28 -3.41
C LYS A 3 -3.03 4.96 -3.15
N THR A 4 -2.99 6.27 -3.39
CA THR A 4 -1.77 7.05 -3.19
C THR A 4 -1.19 6.79 -1.79
N PRO A 5 -1.99 7.07 -0.75
CA PRO A 5 -1.57 6.87 0.63
C PRO A 5 -1.45 5.38 1.00
N THR A 6 -2.40 4.58 0.53
CA THR A 6 -2.41 3.17 0.81
C THR A 6 -1.09 2.52 0.40
N LEU A 7 -0.48 3.05 -0.66
CA LEU A 7 0.79 2.52 -1.16
C LEU A 7 1.97 3.25 -0.51
N LYS A 8 1.67 4.36 0.14
CA LYS A 8 2.70 5.15 0.82
C LYS A 8 2.90 4.68 2.25
N TYR A 9 1.86 4.83 3.07
CA TYR A 9 1.91 4.42 4.46
C TYR A 9 1.61 2.93 4.62
N PHE A 10 0.58 2.47 3.91
CA PHE A 10 0.18 1.08 3.96
C PHE A 10 0.95 0.25 2.94
N GLY A 11 1.79 0.93 2.15
CA GLY A 11 2.57 0.24 1.15
C GLY A 11 3.34 -0.93 1.72
N GLY A 12 4.25 -0.65 2.65
CA GLY A 12 5.03 -1.71 3.26
C GLY A 12 4.18 -2.80 3.86
N PHE A 13 2.94 -2.45 4.21
CA PHE A 13 2.02 -3.41 4.81
C PHE A 13 1.36 -4.27 3.74
N ASN A 14 1.14 -3.69 2.56
CA ASN A 14 0.51 -4.39 1.46
C ASN A 14 1.43 -5.49 0.93
N PHE A 15 2.66 -5.51 1.42
CA PHE A 15 3.63 -6.51 1.00
C PHE A 15 3.00 -7.89 0.93
N SER A 16 2.04 -8.15 1.81
CA SER A 16 1.35 -9.42 1.85
C SER A 16 0.39 -9.56 0.68
N GLN A 17 -0.23 -8.46 0.29
CA GLN A 17 -1.18 -8.46 -0.81
C GLN A 17 -0.48 -8.11 -2.13
N ILE A 18 0.19 -6.95 -2.14
CA ILE A 18 0.90 -6.51 -3.33
C ILE A 18 2.16 -7.33 -3.57
N LEU A 19 2.47 -8.20 -2.61
CA LEU A 19 3.66 -9.05 -2.72
C LEU A 19 4.13 -9.14 -4.16
N MET A 1 -5.49 8.15 -6.39
CA MET A 1 -6.24 9.09 -5.57
C MET A 1 -6.44 8.55 -4.16
N TRP A 2 -7.01 7.35 -4.07
CA TRP A 2 -7.26 6.71 -2.78
C TRP A 2 -6.17 5.72 -2.44
N LYS A 3 -5.60 5.09 -3.47
CA LYS A 3 -4.55 4.10 -3.28
C LYS A 3 -3.19 4.79 -3.11
N THR A 4 -3.15 6.09 -3.40
CA THR A 4 -1.93 6.86 -3.28
C THR A 4 -1.25 6.63 -1.93
N PRO A 5 -1.98 6.94 -0.85
CA PRO A 5 -1.48 6.78 0.52
C PRO A 5 -1.34 5.31 0.91
N THR A 6 -2.33 4.50 0.52
CA THR A 6 -2.31 3.09 0.84
C THR A 6 -1.02 2.43 0.36
N LEU A 7 -0.49 2.92 -0.76
CA LEU A 7 0.74 2.38 -1.31
C LEU A 7 1.96 3.11 -0.76
N LYS A 8 1.72 4.25 -0.12
CA LYS A 8 2.79 5.04 0.46
C LYS A 8 3.08 4.61 1.89
N TYR A 9 2.10 4.79 2.77
CA TYR A 9 2.24 4.41 4.17
C TYR A 9 1.94 2.93 4.37
N PHE A 10 0.87 2.47 3.76
CA PHE A 10 0.47 1.07 3.87
C PHE A 10 1.17 0.21 2.83
N GLY A 11 1.94 0.86 1.96
CA GLY A 11 2.67 0.14 0.93
C GLY A 11 3.47 -1.01 1.47
N GLY A 12 4.44 -0.72 2.34
CA GLY A 12 5.26 -1.75 2.92
C GLY A 12 4.43 -2.83 3.61
N PHE A 13 3.23 -2.47 4.03
CA PHE A 13 2.35 -3.40 4.71
C PHE A 13 1.61 -4.28 3.71
N ASN A 14 1.32 -3.73 2.54
CA ASN A 14 0.61 -4.46 1.49
C ASN A 14 1.48 -5.58 0.94
N PHE A 15 2.76 -5.59 1.34
CA PHE A 15 3.69 -6.61 0.89
C PHE A 15 3.04 -7.99 0.90
N SER A 16 2.14 -8.21 1.84
CA SER A 16 1.45 -9.49 1.96
C SER A 16 0.42 -9.66 0.86
N GLN A 17 -0.22 -8.55 0.49
CA GLN A 17 -1.24 -8.58 -0.57
C GLN A 17 -0.63 -8.26 -1.92
N ILE A 18 0.04 -7.11 -2.01
CA ILE A 18 0.67 -6.70 -3.26
C ILE A 18 1.91 -7.54 -3.56
N LEU A 19 2.29 -8.39 -2.60
CA LEU A 19 3.46 -9.25 -2.76
C LEU A 19 3.85 -9.37 -4.23
N MET A 1 -7.46 8.79 -6.40
CA MET A 1 -6.42 9.19 -5.47
C MET A 1 -6.71 8.64 -4.07
N TRP A 2 -7.26 7.43 -4.02
CA TRP A 2 -7.57 6.78 -2.75
C TRP A 2 -6.48 5.80 -2.35
N LYS A 3 -5.85 5.17 -3.34
CA LYS A 3 -4.78 4.22 -3.09
C LYS A 3 -3.45 4.93 -2.85
N THR A 4 -3.43 6.23 -3.12
CA THR A 4 -2.23 7.02 -2.93
C THR A 4 -1.63 6.80 -1.54
N PRO A 5 -2.43 7.10 -0.50
CA PRO A 5 -2.00 6.94 0.89
C PRO A 5 -1.86 5.47 1.29
N THR A 6 -2.59 4.61 0.59
CA THR A 6 -2.54 3.17 0.88
C THR A 6 -1.24 2.55 0.38
N LEU A 7 -0.72 3.09 -0.72
CA LEU A 7 0.52 2.58 -1.30
C LEU A 7 1.72 3.33 -0.73
N LYS A 8 1.46 4.44 -0.05
CA LYS A 8 2.53 5.24 0.54
C LYS A 8 2.82 4.77 1.97
N TYR A 9 1.83 4.91 2.85
CA TYR A 9 1.98 4.51 4.24
C TYR A 9 1.71 3.01 4.41
N PHE A 10 0.64 2.54 3.77
CA PHE A 10 0.27 1.14 3.84
C PHE A 10 0.99 0.32 2.78
N GLY A 11 1.75 1.01 1.93
CA GLY A 11 2.48 0.33 0.88
C GLY A 11 3.30 -0.84 1.39
N GLY A 12 4.15 -0.58 2.38
CA GLY A 12 4.98 -1.62 2.95
C GLY A 12 4.16 -2.72 3.60
N PHE A 13 2.94 -2.38 4.01
CA PHE A 13 2.06 -3.34 4.66
C PHE A 13 1.35 -4.21 3.62
N ASN A 14 1.07 -3.63 2.46
CA ASN A 14 0.39 -4.35 1.39
C ASN A 14 1.29 -5.44 0.82
N PHE A 15 2.55 -5.45 1.24
CA PHE A 15 3.51 -6.44 0.78
C PHE A 15 2.88 -7.83 0.74
N SER A 16 1.96 -8.09 1.67
CA SER A 16 1.29 -9.38 1.76
C SER A 16 0.27 -9.52 0.63
N GLN A 17 -0.38 -8.42 0.27
CA GLN A 17 -1.38 -8.43 -0.79
C GLN A 17 -0.74 -8.08 -2.13
N ILE A 18 -0.09 -6.93 -2.18
CA ILE A 18 0.56 -6.47 -3.41
C ILE A 18 1.81 -7.29 -3.70
N LEU A 19 2.18 -8.16 -2.76
CA LEU A 19 3.36 -9.00 -2.92
C LEU A 19 3.78 -9.09 -4.39
N MET A 1 -5.51 8.48 -6.26
CA MET A 1 -6.22 9.44 -5.41
C MET A 1 -6.44 8.88 -4.01
N TRP A 2 -7.01 7.70 -3.94
CA TRP A 2 -7.27 7.05 -2.66
C TRP A 2 -6.20 6.03 -2.32
N LYS A 3 -5.63 5.41 -3.36
CA LYS A 3 -4.59 4.41 -3.18
C LYS A 3 -3.23 5.08 -2.99
N THR A 4 -3.17 6.38 -3.24
CA THR A 4 -1.94 7.14 -3.10
C THR A 4 -1.29 6.87 -1.74
N PRO A 5 -2.02 7.18 -0.67
CA PRO A 5 -1.53 6.98 0.70
C PRO A 5 -1.42 5.51 1.07
N THR A 6 -2.41 4.71 0.65
CA THR A 6 -2.42 3.29 0.93
C THR A 6 -1.13 2.62 0.47
N LEU A 7 -0.58 3.13 -0.63
CA LEU A 7 0.66 2.58 -1.19
C LEU A 7 1.88 3.29 -0.60
N LYS A 8 1.63 4.42 0.06
CA LYS A 8 2.71 5.19 0.67
C LYS A 8 2.98 4.73 2.10
N TYR A 9 1.99 4.90 2.97
CA TYR A 9 2.11 4.50 4.36
C TYR A 9 1.79 3.03 4.53
N PHE A 10 0.71 2.58 3.89
CA PHE A 10 0.29 1.18 3.98
C PHE A 10 1.01 0.33 2.92
N GLY A 11 1.80 1.00 2.08
CA GLY A 11 2.52 0.29 1.04
C GLY A 11 3.31 -0.90 1.58
N GLY A 12 4.26 -0.61 2.46
CA GLY A 12 5.07 -1.68 3.03
C GLY A 12 4.22 -2.75 3.70
N PHE A 13 3.02 -2.38 4.11
CA PHE A 13 2.12 -3.32 4.77
C PHE A 13 1.39 -4.18 3.74
N ASN A 14 1.11 -3.59 2.57
CA ASN A 14 0.41 -4.30 1.51
C ASN A 14 1.28 -5.42 0.95
N PHE A 15 2.54 -5.46 1.37
CA PHE A 15 3.48 -6.48 0.90
C PHE A 15 2.82 -7.86 0.87
N SER A 16 1.90 -8.07 1.81
CA SER A 16 1.19 -9.35 1.90
C SER A 16 0.17 -9.49 0.78
N GLN A 17 -0.46 -8.37 0.42
CA GLN A 17 -1.45 -8.36 -0.64
C GLN A 17 -0.82 -8.03 -1.99
N ILE A 18 -0.14 -6.90 -2.05
CA ILE A 18 0.51 -6.47 -3.29
C ILE A 18 1.74 -7.32 -3.58
N LEU A 19 2.09 -8.18 -2.63
CA LEU A 19 3.25 -9.06 -2.79
C LEU A 19 3.66 -9.17 -4.25
N MET A 1 -6.75 9.13 -5.72
CA MET A 1 -6.57 9.99 -4.56
C MET A 1 -6.58 9.17 -3.27
N TRP A 2 -7.27 8.04 -3.30
CA TRP A 2 -7.36 7.17 -2.13
C TRP A 2 -6.23 6.15 -2.13
N LYS A 3 -5.75 5.80 -3.32
CA LYS A 3 -4.66 4.83 -3.46
C LYS A 3 -3.31 5.49 -3.19
N THR A 4 -3.24 6.80 -3.42
CA THR A 4 -2.01 7.54 -3.20
C THR A 4 -1.45 7.30 -1.80
N PRO A 5 -2.25 7.66 -0.78
CA PRO A 5 -1.87 7.50 0.62
C PRO A 5 -1.82 6.02 1.04
N THR A 6 -2.46 5.17 0.24
CA THR A 6 -2.50 3.74 0.53
C THR A 6 -1.21 3.05 0.06
N LEU A 7 -0.66 3.53 -1.04
CA LEU A 7 0.56 2.96 -1.59
C LEU A 7 1.79 3.67 -1.02
N LYS A 8 1.57 4.80 -0.37
CA LYS A 8 2.65 5.56 0.23
C LYS A 8 2.92 5.11 1.66
N TYR A 9 1.94 5.29 2.53
CA TYR A 9 2.07 4.90 3.93
C TYR A 9 1.73 3.42 4.11
N PHE A 10 0.64 2.98 3.48
CA PHE A 10 0.21 1.59 3.57
C PHE A 10 0.91 0.74 2.52
N GLY A 11 1.69 1.38 1.67
CA GLY A 11 2.41 0.67 0.63
C GLY A 11 3.18 -0.52 1.17
N GLY A 12 3.92 -0.29 2.25
CA GLY A 12 4.72 -1.35 2.85
C GLY A 12 3.86 -2.48 3.37
N PHE A 13 2.56 -2.23 3.51
CA PHE A 13 1.63 -3.24 4.00
C PHE A 13 1.04 -4.05 2.86
N ASN A 14 1.72 -4.05 1.73
CA ASN A 14 1.27 -4.78 0.55
C ASN A 14 1.96 -6.14 0.46
N PHE A 15 3.12 -6.26 1.10
CA PHE A 15 3.88 -7.50 1.09
C PHE A 15 2.96 -8.71 1.32
N SER A 16 1.93 -8.51 2.14
CA SER A 16 0.99 -9.57 2.45
C SER A 16 0.10 -9.88 1.25
N GLN A 17 -0.22 -8.84 0.48
CA GLN A 17 -1.06 -9.00 -0.70
C GLN A 17 -0.21 -9.19 -1.95
N ILE A 18 0.70 -8.26 -2.19
CA ILE A 18 1.57 -8.32 -3.35
C ILE A 18 2.64 -9.41 -3.18
N LEU A 19 2.68 -9.99 -1.99
CA LEU A 19 3.65 -11.05 -1.69
C LEU A 19 4.20 -11.66 -2.98
N MET A 1 -7.13 8.66 -5.77
CA MET A 1 -7.13 9.53 -4.60
C MET A 1 -7.08 8.71 -3.32
N TRP A 2 -7.69 7.53 -3.36
CA TRP A 2 -7.71 6.65 -2.18
C TRP A 2 -6.52 5.69 -2.20
N LYS A 3 -6.05 5.35 -3.40
CA LYS A 3 -4.92 4.45 -3.54
C LYS A 3 -3.61 5.17 -3.28
N THR A 4 -3.61 6.49 -3.48
CA THR A 4 -2.42 7.30 -3.25
C THR A 4 -1.87 7.10 -1.84
N PRO A 5 -2.70 7.41 -0.84
CA PRO A 5 -2.32 7.27 0.57
C PRO A 5 -2.21 5.80 1.00
N THR A 6 -2.77 4.91 0.19
CA THR A 6 -2.74 3.48 0.48
C THR A 6 -1.42 2.87 0.01
N LEU A 7 -0.89 3.38 -1.09
CA LEU A 7 0.36 2.87 -1.64
C LEU A 7 1.55 3.64 -1.07
N LYS A 8 1.27 4.76 -0.42
CA LYS A 8 2.31 5.58 0.17
C LYS A 8 2.61 5.13 1.60
N TYR A 9 1.61 5.27 2.47
CA TYR A 9 1.78 4.88 3.87
C TYR A 9 1.51 3.39 4.06
N PHE A 10 0.44 2.90 3.43
CA PHE A 10 0.08 1.49 3.52
C PHE A 10 0.82 0.67 2.47
N GLY A 11 1.58 1.35 1.62
CA GLY A 11 2.33 0.66 0.58
C GLY A 11 3.16 -0.47 1.12
N GLY A 12 3.90 -0.20 2.18
CA GLY A 12 4.75 -1.23 2.78
C GLY A 12 3.94 -2.38 3.33
N PHE A 13 2.64 -2.19 3.49
CA PHE A 13 1.76 -3.23 4.01
C PHE A 13 1.19 -4.07 2.87
N ASN A 14 1.86 -4.06 1.73
CA ASN A 14 1.42 -4.82 0.57
C ASN A 14 2.16 -6.15 0.48
N PHE A 15 3.33 -6.21 1.11
CA PHE A 15 4.14 -7.42 1.09
C PHE A 15 3.28 -8.66 1.36
N SER A 16 2.26 -8.49 2.19
CA SER A 16 1.36 -9.59 2.51
C SER A 16 0.47 -9.95 1.33
N GLN A 17 0.09 -8.94 0.56
CA GLN A 17 -0.76 -9.14 -0.60
C GLN A 17 0.08 -9.31 -1.87
N ILE A 18 0.95 -8.35 -2.13
CA ILE A 18 1.81 -8.38 -3.30
C ILE A 18 2.91 -9.42 -3.14
N LEU A 19 3.00 -9.99 -1.94
CA LEU A 19 4.01 -11.00 -1.65
C LEU A 19 4.57 -11.60 -2.94
N MET A 1 -6.27 9.07 -5.90
CA MET A 1 -6.70 9.91 -4.78
C MET A 1 -6.67 9.11 -3.48
N TRP A 2 -7.32 7.95 -3.48
CA TRP A 2 -7.37 7.10 -2.30
C TRP A 2 -6.22 6.11 -2.29
N LYS A 3 -5.74 5.74 -3.48
CA LYS A 3 -4.64 4.79 -3.60
C LYS A 3 -3.30 5.47 -3.29
N THR A 4 -3.26 6.79 -3.48
CA THR A 4 -2.04 7.55 -3.20
C THR A 4 -1.54 7.30 -1.79
N PRO A 5 -2.38 7.64 -0.80
CA PRO A 5 -2.04 7.46 0.62
C PRO A 5 -1.99 6.00 1.02
N THR A 6 -2.57 5.12 0.18
CA THR A 6 -2.59 3.70 0.46
C THR A 6 -1.29 3.03 0.02
N LEU A 7 -0.72 3.54 -1.07
CA LEU A 7 0.54 2.99 -1.59
C LEU A 7 1.73 3.71 -0.98
N LYS A 8 1.48 4.83 -0.32
CA LYS A 8 2.53 5.61 0.32
C LYS A 8 2.78 5.14 1.75
N TYR A 9 1.76 5.30 2.59
CA TYR A 9 1.87 4.88 3.98
C TYR A 9 1.54 3.40 4.15
N PHE A 10 0.48 2.96 3.48
CA PHE A 10 0.06 1.57 3.54
C PHE A 10 0.80 0.73 2.51
N GLY A 11 1.61 1.39 1.69
CA GLY A 11 2.35 0.70 0.65
C GLY A 11 3.14 -0.48 1.21
N GLY A 12 3.84 -0.25 2.31
CA GLY A 12 4.63 -1.31 2.92
C GLY A 12 3.78 -2.46 3.41
N PHE A 13 2.48 -2.22 3.52
CA PHE A 13 1.54 -3.24 3.99
C PHE A 13 0.99 -4.05 2.82
N ASN A 14 1.70 -4.03 1.71
CA ASN A 14 1.28 -4.76 0.51
C ASN A 14 1.99 -6.11 0.42
N PHE A 15 3.13 -6.22 1.09
CA PHE A 15 3.91 -7.45 1.09
C PHE A 15 3.01 -8.67 1.29
N SER A 16 1.95 -8.49 2.09
CA SER A 16 1.01 -9.57 2.37
C SER A 16 0.17 -9.88 1.14
N GLN A 17 -0.16 -8.83 0.38
CA GLN A 17 -0.98 -9.00 -0.83
C GLN A 17 -0.09 -9.17 -2.06
N ILE A 18 0.81 -8.22 -2.27
CA ILE A 18 1.72 -8.27 -3.42
C ILE A 18 2.79 -9.34 -3.23
N LEU A 19 2.81 -9.93 -2.04
CA LEU A 19 3.79 -10.98 -1.73
C LEU A 19 4.37 -11.57 -3.01
N MET A 1 -6.49 9.22 -5.20
CA MET A 1 -7.14 9.95 -4.12
C MET A 1 -6.98 9.23 -2.80
N TRP A 2 -7.60 8.06 -2.69
CA TRP A 2 -7.52 7.26 -1.46
C TRP A 2 -6.38 6.25 -1.55
N LYS A 3 -6.04 5.85 -2.77
CA LYS A 3 -4.96 4.89 -2.99
C LYS A 3 -3.60 5.54 -2.80
N THR A 4 -3.55 6.86 -3.01
CA THR A 4 -2.30 7.60 -2.87
C THR A 4 -1.65 7.33 -1.51
N PRO A 5 -2.38 7.67 -0.43
CA PRO A 5 -1.90 7.47 0.94
C PRO A 5 -1.82 6.00 1.33
N THR A 6 -2.51 5.15 0.55
CA THR A 6 -2.52 3.72 0.81
C THR A 6 -1.26 3.06 0.27
N LEU A 7 -0.75 3.56 -0.85
CA LEU A 7 0.44 3.01 -1.46
C LEU A 7 1.69 3.72 -0.94
N LYS A 8 1.48 4.84 -0.25
CA LYS A 8 2.59 5.61 0.30
C LYS A 8 2.93 5.13 1.70
N TYR A 9 1.98 5.29 2.62
CA TYR A 9 2.19 4.88 4.01
C TYR A 9 1.87 3.40 4.19
N PHE A 10 0.76 2.97 3.60
CA PHE A 10 0.34 1.57 3.70
C PHE A 10 0.99 0.73 2.60
N GLY A 11 1.74 1.39 1.72
CA GLY A 11 2.40 0.69 0.64
C GLY A 11 3.23 -0.49 1.13
N GLY A 12 4.02 -0.27 2.17
CA GLY A 12 4.84 -1.33 2.71
C GLY A 12 4.02 -2.47 3.27
N PHE A 13 2.72 -2.23 3.48
CA PHE A 13 1.83 -3.24 4.02
C PHE A 13 1.18 -4.04 2.90
N ASN A 14 1.82 -4.03 1.73
CA ASN A 14 1.29 -4.76 0.57
C ASN A 14 1.98 -6.11 0.43
N PHE A 15 3.18 -6.23 1.01
CA PHE A 15 3.94 -7.47 0.95
C PHE A 15 3.04 -8.67 1.21
N SER A 16 2.06 -8.49 2.09
CA SER A 16 1.13 -9.57 2.43
C SER A 16 0.19 -9.86 1.27
N GLN A 17 -0.19 -8.82 0.54
CA GLN A 17 -1.09 -8.97 -0.60
C GLN A 17 -0.30 -9.15 -1.90
N ILE A 18 0.59 -8.20 -2.17
CA ILE A 18 1.41 -8.26 -3.38
C ILE A 18 2.48 -9.33 -3.28
N LEU A 19 2.60 -9.93 -2.09
CA LEU A 19 3.58 -10.98 -1.86
C LEU A 19 4.06 -11.58 -3.18
#